data_9JFM
#
_entry.id   9JFM
#
_cell.length_a   91.890
_cell.length_b   91.890
_cell.length_c   244.960
_cell.angle_alpha   90.000
_cell.angle_beta   90.000
_cell.angle_gamma   120.000
#
_symmetry.space_group_name_H-M   'P 65 2 2'
#
loop_
_entity.id
_entity.type
_entity.pdbx_description
1 polymer 'Bifunctional epoxide hydrolase 2'
2 non-polymer 'MAGNESIUM ION'
3 non-polymer 'PHOSPHATE ION'
4 non-polymer 1-[(13~{a}~{R})-2,3-dimethoxy-6,8,13,13~{a}-tetrahydro-5~{H}-isoquinolino[3,2-a]isoquinolin-10-yl]-3-[[4-(trifluoromethyloxy)phenyl]methyl]urea
#
_entity_poly.entity_id   1
_entity_poly.type   'polypeptide(L)'
_entity_poly.pdbx_seq_one_letter_code
;MTLRAAVFDLDGVLALPAVFGVLGRTEEALALPRGLLNDAFQKGGPEGATTRLMKGEITLSQWIPLMEENCRKCSETAKV
CLPKNFSIKEIFDKAISARKINRPMLQAALMLRKKGFTTAILTNTWLDDRAERDGLAQLMCELKMHFDFLIESCQVGMVK
PEPQIYKFLLDTLKASPSEVVFLDDIGANLKPARDLGMVTILVQDTDTALKELEKVTGIQLLNTPAPLPTSCNPSDMSHG
YVTVKPRVRLHFVELGSGPAVCLCHGFPESWYSWRYQIPALAQAGYRVLAMDMKGYGESSAPPEIEEYCMEVLCKEMVTF
LDKLGLSQAVFIGHDWGGMLVWYMALFYPERVRAVASLNTPFIPANPNMSPLESIKANPVFDYQLYFQEPGVAEAELEQN
LSRTFKSLFRASDESVLSMHKVCEAGGLFVNSPEEPSLSRMVTEEEIQFYVQQFKKSGFRGPLNWYRNMERNWKWACKSL
GRKILIPALMVTAEKDFVLVPQMSQHMEDWIPHLKRGHIEDCGHWTQMDKPTEVNQILIKWLDSDARNPPVVSKM
;
_entity_poly.pdbx_strand_id   A
#
# COMPACT_ATOMS: atom_id res chain seq x y z
N MET A 1 10.53 27.85 19.77
CA MET A 1 11.90 27.32 20.00
C MET A 1 12.00 25.88 19.50
N THR A 2 11.28 24.98 20.15
CA THR A 2 11.25 23.59 19.73
C THR A 2 10.53 23.47 18.39
N LEU A 3 11.18 22.82 17.43
CA LEU A 3 10.61 22.67 16.10
C LEU A 3 9.33 21.82 16.18
N ARG A 4 8.45 22.02 15.20
CA ARG A 4 7.18 21.31 15.18
C ARG A 4 6.69 21.03 13.76
N ALA A 5 7.07 21.85 12.79
CA ALA A 5 6.69 21.64 11.40
C ALA A 5 7.94 21.50 10.54
N ALA A 6 7.80 20.81 9.41
CA ALA A 6 8.89 20.60 8.48
C ALA A 6 8.39 20.78 7.05
N VAL A 7 9.12 21.56 6.26
CA VAL A 7 8.78 21.84 4.88
C VAL A 7 9.91 21.36 3.99
N PHE A 8 9.55 20.77 2.85
CA PHE A 8 10.52 20.14 1.95
C PHE A 8 10.32 20.64 0.53
N ASP A 9 11.42 21.02 -0.13
CA ASP A 9 11.37 21.29 -1.56
C ASP A 9 11.21 19.97 -2.32
N LEU A 10 10.66 20.06 -3.52
CA LEU A 10 10.51 18.89 -4.37
C LEU A 10 11.74 18.72 -5.25
N ASP A 11 11.88 19.55 -6.28
CA ASP A 11 12.98 19.44 -7.21
C ASP A 11 14.32 19.65 -6.52
N GLY A 12 15.02 18.55 -6.23
CA GLY A 12 16.34 18.57 -5.62
C GLY A 12 16.41 17.97 -4.24
N VAL A 13 15.28 17.82 -3.56
CA VAL A 13 15.27 17.32 -2.18
C VAL A 13 14.48 16.01 -2.14
N LEU A 14 13.17 16.09 -2.31
CA LEU A 14 12.32 14.89 -2.32
C LEU A 14 12.41 14.14 -3.64
N ALA A 15 12.78 14.80 -4.73
CA ALA A 15 12.85 14.19 -6.04
C ALA A 15 14.24 14.43 -6.61
N LEU A 16 14.84 13.39 -7.18
CA LEU A 16 16.18 13.45 -7.74
C LEU A 16 16.21 12.65 -9.04
N PRO A 17 17.01 13.09 -10.02
CA PRO A 17 17.86 14.29 -10.04
C PRO A 17 17.06 15.56 -10.32
N ALA A 18 17.53 16.72 -9.84
CA ALA A 18 16.82 17.96 -10.08
C ALA A 18 16.73 18.25 -11.57
N VAL A 19 15.74 19.05 -11.94
CA VAL A 19 15.55 19.40 -13.35
C VAL A 19 16.70 20.27 -13.84
N PHE A 20 17.24 21.12 -12.96
CA PHE A 20 18.39 21.93 -13.34
C PHE A 20 19.62 21.09 -13.60
N GLY A 21 19.78 19.99 -12.85
CA GLY A 21 20.93 19.13 -13.04
C GLY A 21 20.86 18.34 -14.34
N VAL A 22 19.65 17.93 -14.73
CA VAL A 22 19.49 17.25 -16.02
C VAL A 22 19.63 18.26 -17.15
N LEU A 23 19.26 19.53 -16.92
CA LEU A 23 19.47 20.56 -17.92
C LEU A 23 20.95 20.89 -18.07
N GLY A 24 21.74 20.74 -17.01
CA GLY A 24 23.16 21.00 -17.10
C GLY A 24 23.89 19.94 -17.92
N ARG A 25 23.57 18.67 -17.68
CA ARG A 25 24.18 17.61 -18.48
C ARG A 25 23.79 17.73 -19.94
N THR A 26 22.56 18.16 -20.22
CA THR A 26 22.17 18.40 -21.60
C THR A 26 23.05 19.46 -22.24
N GLU A 27 23.39 20.51 -21.48
CA GLU A 27 24.31 21.52 -21.99
C GLU A 27 25.64 20.90 -22.38
N GLU A 28 26.11 19.92 -21.62
CA GLU A 28 27.38 19.28 -21.91
C GLU A 28 27.26 18.36 -23.13
N ALA A 29 26.20 17.57 -23.19
CA ALA A 29 26.06 16.59 -24.26
C ALA A 29 26.08 17.26 -25.63
N LEU A 30 25.17 18.20 -25.86
CA LEU A 30 25.08 18.88 -27.15
C LEU A 30 26.10 20.00 -27.29
N ALA A 31 26.96 20.21 -26.28
CA ALA A 31 28.08 21.15 -26.38
C ALA A 31 27.61 22.59 -26.55
N LEU A 32 26.64 23.01 -25.71
CA LEU A 32 26.23 24.40 -25.70
C LEU A 32 27.15 25.20 -24.79
N PRO A 33 27.13 26.54 -24.91
CA PRO A 33 27.77 27.37 -23.90
C PRO A 33 27.22 27.04 -22.52
N ARG A 34 28.10 27.06 -21.53
CA ARG A 34 27.68 26.66 -20.19
C ARG A 34 26.61 27.60 -19.65
N GLY A 35 25.58 27.02 -19.05
CA GLY A 35 24.50 27.78 -18.45
C GLY A 35 23.53 28.40 -19.42
N LEU A 36 23.70 28.19 -20.72
CA LEU A 36 22.82 28.84 -21.70
C LEU A 36 21.38 28.40 -21.52
N LEU A 37 21.14 27.12 -21.22
CA LEU A 37 19.78 26.67 -20.97
C LEU A 37 19.18 27.34 -19.74
N ASN A 38 20.00 27.61 -18.72
CA ASN A 38 19.49 28.25 -17.51
C ASN A 38 19.34 29.76 -17.66
N ASP A 39 20.09 30.38 -18.58
CA ASP A 39 19.85 31.79 -18.88
C ASP A 39 18.54 31.98 -19.63
N ALA A 40 18.24 31.07 -20.57
CA ALA A 40 16.95 31.11 -21.23
C ALA A 40 15.83 30.72 -20.28
N PHE A 41 16.09 29.77 -19.38
CA PHE A 41 15.11 29.37 -18.40
C PHE A 41 14.72 30.53 -17.48
N GLN A 42 15.65 31.46 -17.25
CA GLN A 42 15.43 32.54 -16.30
C GLN A 42 15.46 33.91 -16.98
N LYS A 43 15.20 33.97 -18.27
CA LYS A 43 15.15 35.24 -18.97
C LYS A 43 13.90 36.01 -18.57
N GLY A 44 14.07 37.27 -18.17
CA GLY A 44 13.00 38.13 -17.75
C GLY A 44 12.77 38.18 -16.25
N GLY A 45 13.28 37.20 -15.51
CA GLY A 45 13.15 37.19 -14.08
C GLY A 45 11.70 37.14 -13.63
N PRO A 46 11.33 37.98 -12.66
CA PRO A 46 9.95 37.92 -12.13
C PRO A 46 8.89 38.26 -13.14
N GLU A 47 9.25 38.78 -14.32
CA GLU A 47 8.29 39.10 -15.37
C GLU A 47 8.57 38.31 -16.65
N GLY A 48 9.37 37.25 -16.56
CA GLY A 48 9.70 36.43 -17.70
C GLY A 48 8.68 35.34 -17.93
N ALA A 49 9.02 34.44 -18.85
CA ALA A 49 8.10 33.35 -19.19
C ALA A 49 8.05 32.31 -18.08
N THR A 50 9.20 31.98 -17.48
CA THR A 50 9.23 30.91 -16.49
C THR A 50 8.41 31.28 -15.26
N THR A 51 8.49 32.54 -14.83
CA THR A 51 7.70 32.95 -13.68
C THR A 51 6.21 32.96 -14.01
N ARG A 52 5.85 33.35 -15.22
CA ARG A 52 4.46 33.25 -15.63
C ARG A 52 4.00 31.81 -15.66
N LEU A 53 4.91 30.87 -15.94
CA LEU A 53 4.57 29.45 -15.91
C LEU A 53 4.47 28.94 -14.47
N MET A 54 5.41 29.36 -13.61
CA MET A 54 5.43 28.90 -12.23
C MET A 54 4.26 29.46 -11.42
N LYS A 55 3.57 30.48 -11.92
CA LYS A 55 2.48 31.12 -11.20
C LYS A 55 1.10 30.68 -11.69
N GLY A 56 1.03 29.76 -12.64
CA GLY A 56 -0.25 29.31 -13.16
C GLY A 56 -0.87 30.22 -14.19
N GLU A 57 -0.15 31.24 -14.65
CA GLU A 57 -0.70 32.15 -15.66
C GLU A 57 -0.73 31.49 -17.03
N ILE A 58 0.19 30.56 -17.30
CA ILE A 58 0.22 29.80 -18.54
C ILE A 58 0.57 28.35 -18.22
N THR A 59 0.16 27.46 -19.13
CA THR A 59 0.44 26.05 -18.97
C THR A 59 1.83 25.72 -19.52
N LEU A 60 2.27 24.48 -19.27
CA LEU A 60 3.59 24.07 -19.74
C LEU A 60 3.66 24.08 -21.26
N SER A 61 2.63 23.53 -21.91
CA SER A 61 2.61 23.52 -23.37
C SER A 61 2.69 24.92 -23.96
N GLN A 62 2.14 25.91 -23.25
CA GLN A 62 2.26 27.30 -23.70
C GLN A 62 3.65 27.86 -23.45
N TRP A 63 4.40 27.31 -22.49
CA TRP A 63 5.69 27.87 -22.10
C TRP A 63 6.85 27.35 -22.95
N ILE A 64 6.66 26.23 -23.63
CA ILE A 64 7.74 25.61 -24.41
C ILE A 64 8.09 26.50 -25.60
N PRO A 65 7.12 27.03 -26.35
CA PRO A 65 7.48 27.99 -27.41
C PRO A 65 8.22 29.21 -26.89
N LEU A 66 7.81 29.73 -25.73
CA LEU A 66 8.52 30.86 -25.14
C LEU A 66 9.94 30.48 -24.72
N MET A 67 10.12 29.23 -24.27
CA MET A 67 11.46 28.75 -23.93
C MET A 67 12.30 28.53 -25.18
N GLU A 68 11.66 28.21 -26.31
CA GLU A 68 12.40 28.05 -27.57
C GLU A 68 12.95 29.38 -28.05
N GLU A 69 12.15 30.45 -27.97
CA GLU A 69 12.63 31.76 -28.36
C GLU A 69 13.75 32.23 -27.43
N ASN A 70 13.59 32.02 -26.12
CA ASN A 70 14.63 32.41 -25.18
C ASN A 70 15.95 31.71 -25.48
N CYS A 71 15.88 30.47 -25.96
CA CYS A 71 17.09 29.75 -26.34
C CYS A 71 17.66 30.26 -27.65
N ARG A 72 16.80 30.66 -28.60
CA ARG A 72 17.30 31.29 -29.82
C ARG A 72 17.83 32.70 -29.55
N LYS A 73 17.24 33.42 -28.59
CA LYS A 73 17.75 34.74 -28.22
C LYS A 73 19.06 34.63 -27.46
N CYS A 74 19.16 33.67 -26.54
CA CYS A 74 20.40 33.52 -25.78
C CYS A 74 21.52 32.96 -26.64
N SER A 75 21.21 32.09 -27.60
CA SER A 75 22.22 31.59 -28.52
C SER A 75 22.67 32.65 -29.51
N GLU A 76 21.85 33.68 -29.73
CA GLU A 76 22.25 34.76 -30.63
C GLU A 76 23.24 35.70 -29.95
N THR A 77 23.05 35.97 -28.65
CA THR A 77 23.95 36.87 -27.95
C THR A 77 25.32 36.22 -27.74
N ALA A 78 25.34 34.95 -27.35
CA ALA A 78 26.60 34.23 -27.16
C ALA A 78 27.29 33.88 -28.48
N LYS A 79 26.71 34.27 -29.61
CA LYS A 79 27.30 34.02 -30.93
C LYS A 79 27.53 32.52 -31.14
N VAL A 80 26.42 31.78 -31.10
CA VAL A 80 26.41 30.34 -31.37
C VAL A 80 25.12 29.99 -32.09
N CYS A 81 25.10 28.80 -32.68
CA CYS A 81 23.97 28.30 -33.44
C CYS A 81 23.44 27.03 -32.80
N LEU A 82 22.14 27.01 -32.50
CA LEU A 82 21.53 25.85 -31.87
C LEU A 82 21.51 24.68 -32.87
N PRO A 83 21.64 23.44 -32.37
CA PRO A 83 21.69 22.29 -33.29
C PRO A 83 20.40 22.16 -34.09
N LYS A 84 20.46 21.30 -35.11
CA LYS A 84 19.29 21.00 -35.91
C LYS A 84 18.27 20.15 -35.16
N ASN A 85 18.70 19.46 -34.10
CA ASN A 85 17.85 18.58 -33.33
C ASN A 85 17.37 19.21 -32.03
N PHE A 86 17.49 20.53 -31.90
CA PHE A 86 17.11 21.19 -30.65
C PHE A 86 15.62 21.08 -30.42
N SER A 87 15.24 20.49 -29.29
CA SER A 87 13.85 20.31 -28.92
C SER A 87 13.73 20.50 -27.41
N ILE A 88 13.15 21.62 -26.99
CA ILE A 88 12.93 21.84 -25.57
C ILE A 88 11.91 20.86 -25.03
N LYS A 89 10.90 20.53 -25.84
CA LYS A 89 9.93 19.51 -25.45
C LYS A 89 10.64 18.21 -25.09
N GLU A 90 11.52 17.74 -25.98
CA GLU A 90 12.16 16.45 -25.75
C GLU A 90 13.19 16.51 -24.64
N ILE A 91 13.84 17.66 -24.45
CA ILE A 91 14.82 17.79 -23.38
C ILE A 91 14.13 17.65 -22.03
N PHE A 92 13.07 18.43 -21.81
CA PHE A 92 12.38 18.41 -20.53
C PHE A 92 11.62 17.10 -20.31
N ASP A 93 11.18 16.45 -21.41
CA ASP A 93 10.52 15.16 -21.26
C ASP A 93 11.45 14.14 -20.61
N LYS A 94 12.73 14.17 -20.95
CA LYS A 94 13.69 13.25 -20.34
C LYS A 94 13.96 13.63 -18.90
N ALA A 95 14.00 14.92 -18.60
CA ALA A 95 14.29 15.37 -17.23
C ALA A 95 13.16 15.01 -16.28
N ILE A 96 11.92 15.35 -16.64
CA ILE A 96 10.78 15.04 -15.80
C ILE A 96 10.64 13.54 -15.59
N SER A 97 11.01 12.75 -16.61
CA SER A 97 10.83 11.30 -16.53
C SER A 97 11.91 10.66 -15.67
N ALA A 98 13.14 11.16 -15.77
CA ALA A 98 14.25 10.61 -15.00
C ALA A 98 14.15 10.96 -13.51
N ARG A 99 13.25 11.86 -13.13
CA ARG A 99 13.15 12.27 -11.73
C ARG A 99 12.47 11.18 -10.92
N LYS A 100 13.16 10.70 -9.89
CA LYS A 100 12.66 9.68 -8.98
C LYS A 100 12.60 10.23 -7.56
N ILE A 101 11.90 9.50 -6.68
CA ILE A 101 11.74 9.94 -5.30
C ILE A 101 13.02 9.63 -4.53
N ASN A 102 13.50 10.60 -3.75
CA ASN A 102 14.64 10.42 -2.86
C ASN A 102 14.14 9.68 -1.63
N ARG A 103 14.28 8.36 -1.63
CA ARG A 103 13.69 7.57 -0.56
C ARG A 103 14.28 7.87 0.80
N PRO A 104 15.59 8.05 0.97
CA PRO A 104 16.09 8.50 2.28
C PRO A 104 15.44 9.78 2.77
N MET A 105 15.09 10.69 1.86
CA MET A 105 14.46 11.94 2.26
C MET A 105 13.01 11.69 2.69
N LEU A 106 12.24 11.00 1.85
CA LEU A 106 10.84 10.74 2.17
C LEU A 106 10.70 9.93 3.46
N GLN A 107 11.57 8.93 3.64
CA GLN A 107 11.53 8.13 4.86
C GLN A 107 11.80 9.00 6.08
N ALA A 108 12.69 9.97 5.96
CA ALA A 108 12.94 10.89 7.06
C ALA A 108 11.73 11.79 7.30
N ALA A 109 11.07 12.21 6.23
CA ALA A 109 9.85 13.01 6.38
C ALA A 109 8.76 12.22 7.08
N LEU A 110 8.63 10.94 6.75
CA LEU A 110 7.63 10.10 7.41
C LEU A 110 7.94 9.94 8.89
N MET A 111 9.22 9.78 9.23
CA MET A 111 9.60 9.62 10.63
C MET A 111 9.20 10.85 11.44
N LEU A 112 9.40 12.04 10.87
CA LEU A 112 9.01 13.27 11.58
C LEU A 112 7.51 13.34 11.80
N ARG A 113 6.73 13.06 10.74
CA ARG A 113 5.28 13.07 10.88
C ARG A 113 4.81 12.02 11.88
N LYS A 114 5.49 10.87 11.92
CA LYS A 114 5.17 9.85 12.91
C LYS A 114 5.39 10.36 14.32
N LYS A 115 6.46 11.11 14.54
CA LYS A 115 6.77 11.67 15.85
C LYS A 115 5.89 12.86 16.22
N GLY A 116 4.97 13.25 15.36
CA GLY A 116 4.05 14.33 15.64
C GLY A 116 4.29 15.64 14.90
N PHE A 117 5.09 15.63 13.84
CA PHE A 117 5.35 16.85 13.08
C PHE A 117 4.28 17.07 12.02
N THR A 118 4.18 18.32 11.58
CA THR A 118 3.33 18.71 10.46
C THR A 118 4.24 18.91 9.25
N THR A 119 4.14 18.01 8.28
CA THR A 119 5.02 18.01 7.12
C THR A 119 4.30 18.62 5.93
N ALA A 120 5.06 19.34 5.10
CA ALA A 120 4.50 19.99 3.92
C ALA A 120 5.56 20.04 2.83
N ILE A 121 5.10 20.23 1.60
CA ILE A 121 5.97 20.39 0.44
C ILE A 121 5.72 21.77 -0.16
N LEU A 122 6.80 22.52 -0.36
CA LEU A 122 6.75 23.84 -0.97
C LEU A 122 7.66 23.81 -2.20
N THR A 123 7.05 23.70 -3.38
CA THR A 123 7.81 23.55 -4.61
C THR A 123 7.32 24.53 -5.66
N ASN A 124 8.24 24.96 -6.52
CA ASN A 124 7.91 25.76 -7.70
C ASN A 124 7.64 24.80 -8.84
N THR A 125 6.37 24.61 -9.17
CA THR A 125 5.94 23.67 -10.20
C THR A 125 5.03 24.38 -11.19
N TRP A 126 4.55 23.62 -12.16
CA TRP A 126 3.84 24.14 -13.32
C TRP A 126 2.57 23.33 -13.55
N LEU A 127 1.64 23.90 -14.33
CA LEU A 127 0.46 23.16 -14.77
C LEU A 127 0.84 22.34 -15.98
N ASP A 128 0.88 21.01 -15.81
CA ASP A 128 1.43 20.09 -16.80
C ASP A 128 0.30 19.56 -17.67
N ASP A 129 0.21 20.06 -18.91
CA ASP A 129 -0.76 19.54 -19.88
C ASP A 129 -0.08 18.78 -21.02
N ARG A 130 1.12 18.27 -20.78
CA ARG A 130 1.79 17.43 -21.77
C ARG A 130 1.02 16.13 -21.96
N ALA A 131 1.28 15.48 -23.10
CA ALA A 131 0.70 14.15 -23.33
C ALA A 131 1.23 13.15 -22.32
N GLU A 132 2.44 13.37 -21.81
CA GLU A 132 3.06 12.48 -20.85
C GLU A 132 2.94 13.01 -19.42
N ARG A 133 1.91 13.82 -19.17
CA ARG A 133 1.73 14.42 -17.85
C ARG A 133 1.40 13.39 -16.79
N ASP A 134 0.91 12.21 -17.19
CA ASP A 134 0.55 11.18 -16.22
C ASP A 134 1.77 10.70 -15.43
N GLY A 135 2.95 10.67 -16.07
CA GLY A 135 4.14 10.26 -15.34
C GLY A 135 4.44 11.14 -14.16
N LEU A 136 4.28 12.46 -14.31
CA LEU A 136 4.44 13.37 -13.18
C LEU A 136 3.26 13.27 -12.22
N ALA A 137 2.08 12.90 -12.72
CA ALA A 137 0.91 12.80 -11.85
C ALA A 137 1.06 11.63 -10.88
N GLN A 138 1.56 10.48 -11.36
CA GLN A 138 1.80 9.36 -10.46
C GLN A 138 2.80 9.74 -9.38
N LEU A 139 3.86 10.45 -9.76
CA LEU A 139 4.88 10.84 -8.78
C LEU A 139 4.27 11.69 -7.67
N MET A 140 3.45 12.67 -8.03
CA MET A 140 2.87 13.57 -7.05
C MET A 140 1.91 12.85 -6.11
N CYS A 141 1.08 11.96 -6.65
CA CYS A 141 0.08 11.28 -5.82
C CYS A 141 0.74 10.43 -4.75
N GLU A 142 1.84 9.75 -5.08
CA GLU A 142 2.50 8.90 -4.10
C GLU A 142 3.30 9.71 -3.08
N LEU A 143 3.67 10.94 -3.41
CA LEU A 143 4.27 11.84 -2.43
C LEU A 143 3.23 12.61 -1.62
N LYS A 144 2.06 12.86 -2.20
CA LYS A 144 1.07 13.71 -1.54
C LYS A 144 0.51 13.04 -0.30
N MET A 145 0.25 11.73 -0.36
CA MET A 145 -0.39 11.04 0.76
C MET A 145 0.47 11.06 2.02
N HIS A 146 1.78 11.26 1.89
CA HIS A 146 2.69 11.19 3.03
C HIS A 146 2.92 12.54 3.70
N PHE A 147 2.25 13.59 3.25
CA PHE A 147 2.46 14.93 3.78
C PHE A 147 1.13 15.57 4.13
N ASP A 148 1.16 16.47 5.11
CA ASP A 148 -0.07 17.15 5.54
C ASP A 148 -0.54 18.14 4.48
N PHE A 149 0.40 18.84 3.83
CA PHE A 149 0.05 19.85 2.84
C PHE A 149 1.01 19.74 1.67
N LEU A 150 0.51 20.05 0.48
CA LEU A 150 1.32 20.20 -0.73
C LEU A 150 1.00 21.59 -1.30
N ILE A 151 1.90 22.54 -1.10
CA ILE A 151 1.72 23.90 -1.58
C ILE A 151 2.47 24.05 -2.90
N GLU A 152 1.71 24.10 -3.99
CA GLU A 152 2.26 24.23 -5.34
C GLU A 152 2.21 25.68 -5.78
N SER A 153 3.27 26.12 -6.47
CA SER A 153 3.37 27.52 -6.84
C SER A 153 2.28 27.92 -7.83
N CYS A 154 2.00 27.07 -8.82
CA CYS A 154 1.03 27.43 -9.85
C CYS A 154 -0.40 27.38 -9.35
N GLN A 155 -0.65 26.74 -8.20
CA GLN A 155 -1.99 26.70 -7.65
C GLN A 155 -2.30 27.98 -6.86
N VAL A 156 -1.32 28.49 -6.12
CA VAL A 156 -1.53 29.66 -5.27
C VAL A 156 -1.16 30.96 -5.96
N GLY A 157 -0.54 30.92 -7.15
CA GLY A 157 -0.13 32.14 -7.82
C GLY A 157 1.03 32.85 -7.16
N MET A 158 1.86 32.14 -6.41
CA MET A 158 3.03 32.71 -5.75
C MET A 158 4.19 31.75 -5.94
N VAL A 159 5.39 32.31 -6.06
CA VAL A 159 6.59 31.53 -6.32
C VAL A 159 7.64 31.83 -5.27
N LYS A 160 8.52 30.86 -5.04
CA LYS A 160 9.72 31.12 -4.26
C LYS A 160 10.70 31.94 -5.11
N PRO A 161 11.45 32.85 -4.50
CA PRO A 161 11.52 33.18 -3.07
C PRO A 161 10.66 34.38 -2.66
N GLU A 162 9.56 34.68 -3.34
CA GLU A 162 8.77 35.85 -2.99
C GLU A 162 8.29 35.70 -1.55
N PRO A 163 8.51 36.72 -0.70
CA PRO A 163 8.14 36.57 0.71
C PRO A 163 6.67 36.26 0.93
N GLN A 164 5.78 36.62 -0.01
CA GLN A 164 4.36 36.41 0.20
C GLN A 164 4.02 34.93 0.34
N ILE A 165 4.77 34.05 -0.33
CA ILE A 165 4.45 32.63 -0.27
C ILE A 165 4.85 32.03 1.08
N TYR A 166 5.93 32.53 1.68
CA TYR A 166 6.33 32.03 2.99
C TYR A 166 5.34 32.45 4.06
N LYS A 167 4.75 33.64 3.95
CA LYS A 167 3.67 34.03 4.84
C LYS A 167 2.42 33.18 4.59
N PHE A 168 2.22 32.75 3.36
CA PHE A 168 1.13 31.81 3.07
C PHE A 168 1.46 30.43 3.62
N LEU A 169 2.72 30.03 3.57
CA LEU A 169 3.12 28.74 4.14
C LEU A 169 2.89 28.72 5.63
N LEU A 170 3.37 29.74 6.35
CA LEU A 170 3.21 29.77 7.80
C LEU A 170 1.74 29.79 8.21
N ASP A 171 0.89 30.40 7.38
CA ASP A 171 -0.54 30.44 7.68
C ASP A 171 -1.17 29.06 7.49
N THR A 172 -0.74 28.34 6.45
CA THR A 172 -1.25 27.00 6.22
C THR A 172 -0.85 26.06 7.36
N LEU A 173 0.43 26.11 7.76
CA LEU A 173 0.90 25.26 8.83
C LEU A 173 0.40 25.69 10.20
N LYS A 174 -0.08 26.93 10.33
CA LYS A 174 -0.58 27.44 11.61
C LYS A 174 0.50 27.37 12.68
N ALA A 175 1.68 27.87 12.34
CA ALA A 175 2.83 27.82 13.23
C ALA A 175 3.68 29.07 13.04
N SER A 176 4.60 29.32 14.03
CA SER A 176 5.45 30.49 13.99
C SER A 176 6.78 30.17 13.32
N PRO A 177 7.44 31.18 12.73
CA PRO A 177 8.72 30.92 12.05
C PRO A 177 9.68 30.04 12.84
N SER A 178 9.95 30.38 14.11
CA SER A 178 10.92 29.62 14.90
C SER A 178 10.47 28.20 15.21
N GLU A 179 9.31 27.77 14.73
CA GLU A 179 8.83 26.42 14.94
C GLU A 179 8.92 25.54 13.70
N VAL A 180 9.41 26.08 12.58
CA VAL A 180 9.43 25.38 11.30
C VAL A 180 10.85 25.25 10.80
N VAL A 181 11.17 24.09 10.25
CA VAL A 181 12.42 23.86 9.52
C VAL A 181 12.08 23.73 8.04
N PHE A 182 12.93 24.30 7.20
CA PHE A 182 12.69 24.37 5.77
C PHE A 182 13.93 23.90 5.02
N LEU A 183 13.76 22.93 4.14
CA LEU A 183 14.84 22.34 3.36
C LEU A 183 14.64 22.65 1.89
N ASP A 184 15.70 23.13 1.23
CA ASP A 184 15.64 23.41 -0.21
C ASP A 184 17.05 23.30 -0.79
N ASP A 185 17.12 22.90 -2.07
CA ASP A 185 18.39 22.76 -2.75
C ASP A 185 18.95 24.08 -3.26
N ILE A 186 18.18 25.16 -3.17
CA ILE A 186 18.57 26.47 -3.68
C ILE A 186 18.72 27.40 -2.48
N GLY A 187 19.91 28.01 -2.36
CA GLY A 187 20.15 28.89 -1.24
C GLY A 187 19.34 30.16 -1.29
N ALA A 188 18.95 30.60 -2.49
CA ALA A 188 18.15 31.81 -2.62
C ALA A 188 16.78 31.63 -1.96
N ASN A 189 16.20 30.43 -2.07
CA ASN A 189 14.89 30.17 -1.48
C ASN A 189 14.92 30.13 0.04
N LEU A 190 16.09 30.20 0.66
CA LEU A 190 16.22 30.13 2.10
C LEU A 190 16.34 31.50 2.76
N LYS A 191 16.87 32.50 2.06
CA LYS A 191 17.06 33.81 2.67
C LYS A 191 15.76 34.41 3.21
N PRO A 192 14.64 34.40 2.47
CA PRO A 192 13.40 34.95 3.06
C PRO A 192 12.92 34.14 4.24
N ALA A 193 13.08 32.81 4.21
CA ALA A 193 12.74 31.99 5.37
C ALA A 193 13.65 32.32 6.54
N ARG A 194 14.97 32.35 6.30
CA ARG A 194 15.92 32.68 7.34
C ARG A 194 15.68 34.08 7.91
N ASP A 195 15.02 34.96 7.16
CA ASP A 195 14.71 36.29 7.66
C ASP A 195 13.51 36.27 8.61
N LEU A 196 12.52 35.43 8.32
CA LEU A 196 11.37 35.32 9.21
C LEU A 196 11.71 34.60 10.50
N GLY A 197 12.83 33.88 10.54
CA GLY A 197 13.31 33.25 11.75
C GLY A 197 13.23 31.74 11.79
N MET A 198 12.84 31.09 10.69
CA MET A 198 12.72 29.64 10.68
C MET A 198 14.07 29.00 10.36
N VAL A 199 14.25 27.77 10.83
CA VAL A 199 15.50 27.06 10.60
C VAL A 199 15.61 26.67 9.14
N THR A 200 16.81 26.81 8.59
CA THR A 200 17.06 26.53 7.19
C THR A 200 18.19 25.51 7.05
N ILE A 201 18.01 24.58 6.13
CA ILE A 201 19.01 23.58 5.79
C ILE A 201 19.20 23.61 4.29
N LEU A 202 20.41 23.94 3.86
CA LEU A 202 20.74 23.87 2.44
C LEU A 202 21.06 22.42 2.10
N VAL A 203 20.27 21.84 1.20
CA VAL A 203 20.38 20.43 0.85
C VAL A 203 21.26 20.33 -0.39
N GLN A 204 22.54 20.01 -0.19
CA GLN A 204 23.44 19.68 -1.29
C GLN A 204 23.50 18.17 -1.49
N ASP A 205 23.85 17.43 -0.45
CA ASP A 205 23.78 15.98 -0.44
C ASP A 205 22.81 15.55 0.65
N THR A 206 22.08 14.46 0.38
CA THR A 206 20.97 14.09 1.24
C THR A 206 21.43 13.70 2.64
N ASP A 207 22.53 12.95 2.75
CA ASP A 207 22.93 12.41 4.05
C ASP A 207 23.46 13.50 4.97
N THR A 208 24.07 14.56 4.43
CA THR A 208 24.51 15.66 5.28
C THR A 208 23.34 16.51 5.74
N ALA A 209 22.41 16.80 4.84
CA ALA A 209 21.21 17.54 5.24
C ALA A 209 20.42 16.78 6.29
N LEU A 210 20.38 15.45 6.20
CA LEU A 210 19.69 14.66 7.20
C LEU A 210 20.41 14.72 8.54
N LYS A 211 21.74 14.79 8.52
CA LYS A 211 22.49 14.96 9.76
C LYS A 211 22.15 16.28 10.43
N GLU A 212 22.02 17.34 9.64
CA GLU A 212 21.61 18.63 10.18
C GLU A 212 20.19 18.57 10.73
N LEU A 213 19.28 17.94 9.99
CA LEU A 213 17.89 17.85 10.43
C LEU A 213 17.75 16.94 11.65
N GLU A 214 18.64 15.96 11.78
CA GLU A 214 18.69 15.18 13.02
C GLU A 214 18.98 16.08 14.21
N LYS A 215 19.94 17.00 14.04
CA LYS A 215 20.42 17.79 15.17
C LYS A 215 19.35 18.77 15.66
N VAL A 216 18.73 19.51 14.73
CA VAL A 216 17.82 20.57 15.12
C VAL A 216 16.49 20.02 15.63
N THR A 217 16.12 18.80 15.24
CA THR A 217 14.85 18.20 15.68
C THR A 217 15.02 17.23 16.84
N GLY A 218 16.23 16.73 17.09
CA GLY A 218 16.43 15.78 18.17
C GLY A 218 15.85 14.41 17.91
N ILE A 219 15.52 14.09 16.66
CA ILE A 219 14.95 12.80 16.29
C ILE A 219 15.91 12.11 15.35
N GLN A 220 16.11 10.80 15.56
CA GLN A 220 17.00 10.03 14.70
C GLN A 220 16.29 9.70 13.39
N LEU A 221 16.84 10.18 12.28
CA LEU A 221 16.31 9.96 10.94
C LEU A 221 17.24 9.14 10.07
N LEU A 222 18.54 9.38 10.15
CA LEU A 222 19.54 8.59 9.44
C LEU A 222 19.90 7.36 10.26
N ASN A 223 20.20 6.27 9.56
CA ASN A 223 20.51 4.99 10.20
C ASN A 223 19.35 4.49 11.05
N THR A 224 18.13 4.87 10.68
CA THR A 224 16.95 4.33 11.32
C THR A 224 16.64 2.95 10.73
N PRO A 225 16.18 1.99 11.55
CA PRO A 225 15.82 0.68 11.01
C PRO A 225 14.85 0.77 9.83
N ALA A 226 14.72 -0.32 9.09
CA ALA A 226 13.84 -0.34 7.93
C ALA A 226 12.40 -0.07 8.36
N PRO A 227 11.71 0.89 7.75
CA PRO A 227 10.34 1.18 8.18
C PRO A 227 9.32 0.27 7.52
N LEU A 228 8.20 0.08 8.20
CA LEU A 228 7.13 -0.74 7.68
C LEU A 228 6.54 -0.08 6.43
N PRO A 229 5.91 -0.87 5.56
CA PRO A 229 5.23 -0.27 4.41
C PRO A 229 4.11 0.65 4.85
N THR A 230 3.66 1.49 3.92
CA THR A 230 2.57 2.40 4.21
C THR A 230 1.31 1.62 4.58
N SER A 231 0.72 1.99 5.72
CA SER A 231 -0.52 1.39 6.18
C SER A 231 -1.73 2.21 5.71
N CYS A 232 -2.92 1.68 5.96
CA CYS A 232 -4.16 2.29 5.50
C CYS A 232 -4.89 2.93 6.68
N ASN A 233 -5.41 4.13 6.45
CA ASN A 233 -6.32 4.77 7.39
C ASN A 233 -7.74 4.51 6.93
N PRO A 234 -8.56 3.76 7.70
CA PRO A 234 -9.89 3.40 7.18
C PRO A 234 -10.74 4.59 6.75
N SER A 235 -10.69 5.69 7.49
CA SER A 235 -11.53 6.85 7.17
C SER A 235 -11.08 7.58 5.92
N ASP A 236 -9.92 7.24 5.36
CA ASP A 236 -9.44 7.85 4.11
C ASP A 236 -9.59 6.92 2.91
N MET A 237 -10.19 5.74 3.09
CA MET A 237 -10.32 4.77 2.02
C MET A 237 -11.66 4.92 1.29
N SER A 238 -11.68 4.47 0.04
CA SER A 238 -12.92 4.36 -0.71
C SER A 238 -13.63 3.08 -0.29
N HIS A 239 -14.84 3.22 0.22
CA HIS A 239 -15.63 2.10 0.71
C HIS A 239 -16.74 1.78 -0.29
N GLY A 240 -16.78 0.52 -0.74
CA GLY A 240 -17.74 0.10 -1.75
C GLY A 240 -18.68 -0.95 -1.20
N TYR A 241 -19.90 -0.97 -1.74
CA TYR A 241 -20.94 -1.89 -1.29
C TYR A 241 -21.65 -2.45 -2.52
N VAL A 242 -21.65 -3.77 -2.63
CA VAL A 242 -22.33 -4.48 -3.72
C VAL A 242 -23.31 -5.47 -3.10
N THR A 243 -24.53 -5.48 -3.61
CA THR A 243 -25.56 -6.41 -3.16
C THR A 243 -25.55 -7.60 -4.12
N VAL A 244 -24.85 -8.66 -3.72
CA VAL A 244 -24.72 -9.83 -4.59
C VAL A 244 -26.05 -10.57 -4.69
N LYS A 245 -26.89 -10.46 -3.68
CA LYS A 245 -28.22 -11.07 -3.68
C LYS A 245 -29.01 -10.52 -2.50
N PRO A 246 -30.32 -10.70 -2.49
CA PRO A 246 -31.13 -10.17 -1.38
C PRO A 246 -30.61 -10.63 -0.03
N ARG A 247 -30.55 -9.69 0.91
CA ARG A 247 -30.06 -9.91 2.27
C ARG A 247 -28.57 -10.20 2.35
N VAL A 248 -27.84 -10.10 1.23
CA VAL A 248 -26.40 -10.33 1.22
C VAL A 248 -25.77 -9.22 0.40
N ARG A 249 -25.11 -8.28 1.08
CA ARG A 249 -24.31 -7.26 0.43
C ARG A 249 -22.89 -7.35 0.96
N LEU A 250 -21.92 -7.20 0.06
CA LEU A 250 -20.51 -7.34 0.40
C LEU A 250 -19.87 -5.95 0.42
N HIS A 251 -19.10 -5.68 1.46
CA HIS A 251 -18.36 -4.44 1.60
C HIS A 251 -16.91 -4.70 1.21
N PHE A 252 -16.33 -3.75 0.49
CA PHE A 252 -14.95 -3.83 0.06
C PHE A 252 -14.33 -2.44 0.09
N VAL A 253 -13.01 -2.41 0.00
CA VAL A 253 -12.25 -1.17 -0.05
C VAL A 253 -11.44 -1.18 -1.35
N GLU A 254 -11.40 -0.03 -2.02
CA GLU A 254 -10.82 0.07 -3.35
C GLU A 254 -9.73 1.13 -3.37
N LEU A 255 -8.68 0.86 -4.15
CA LEU A 255 -7.58 1.80 -4.29
C LEU A 255 -6.77 1.44 -5.52
N GLY A 256 -6.45 2.44 -6.34
CA GLY A 256 -5.58 2.27 -7.47
C GLY A 256 -6.33 1.89 -8.74
N SER A 257 -5.58 1.89 -9.84
CA SER A 257 -6.11 1.57 -11.15
C SER A 257 -5.23 0.51 -11.80
N GLY A 258 -5.82 -0.24 -12.73
CA GLY A 258 -5.12 -1.30 -13.41
C GLY A 258 -5.85 -2.63 -13.29
N PRO A 259 -5.17 -3.73 -13.59
CA PRO A 259 -5.79 -5.05 -13.44
C PRO A 259 -6.37 -5.25 -12.05
N ALA A 260 -7.62 -5.70 -12.00
CA ALA A 260 -8.31 -5.85 -10.73
C ALA A 260 -7.68 -6.97 -9.91
N VAL A 261 -7.24 -6.64 -8.71
CA VAL A 261 -6.70 -7.60 -7.75
C VAL A 261 -7.65 -7.62 -6.56
N CYS A 262 -8.17 -8.80 -6.24
CA CYS A 262 -9.17 -8.96 -5.20
C CYS A 262 -8.53 -9.74 -4.04
N LEU A 263 -8.47 -9.10 -2.88
CA LEU A 263 -7.84 -9.69 -1.70
C LEU A 263 -8.91 -10.26 -0.77
N CYS A 264 -8.71 -11.50 -0.33
CA CYS A 264 -9.66 -12.19 0.53
C CYS A 264 -8.96 -12.55 1.83
N HIS A 265 -9.48 -12.04 2.95
CA HIS A 265 -8.85 -12.25 4.25
C HIS A 265 -9.31 -13.57 4.86
N GLY A 266 -8.82 -13.85 6.06
CA GLY A 266 -9.11 -15.11 6.73
C GLY A 266 -9.87 -14.95 8.03
N PHE A 267 -9.76 -15.98 8.88
CA PHE A 267 -10.46 -16.03 10.16
C PHE A 267 -9.49 -15.71 11.28
N PRO A 268 -9.82 -14.81 12.23
CA PRO A 268 -10.97 -13.92 12.31
C PRO A 268 -10.53 -12.51 11.97
N GLU A 269 -10.43 -12.18 10.68
CA GLU A 269 -9.76 -10.95 10.28
C GLU A 269 -10.73 -10.02 9.56
N SER A 270 -10.20 -9.17 8.69
CA SER A 270 -11.00 -8.13 8.05
C SER A 270 -10.19 -7.59 6.88
N TRP A 271 -10.83 -6.73 6.08
CA TRP A 271 -10.10 -6.06 5.01
C TRP A 271 -8.89 -5.31 5.57
N TYR A 272 -8.98 -4.86 6.81
CA TYR A 272 -7.88 -4.14 7.44
C TYR A 272 -6.62 -4.98 7.57
N SER A 273 -6.75 -6.32 7.49
CA SER A 273 -5.58 -7.19 7.56
C SER A 273 -4.70 -7.10 6.33
N TRP A 274 -5.14 -6.40 5.29
CA TRP A 274 -4.32 -6.12 4.12
C TRP A 274 -3.82 -4.68 4.11
N ARG A 275 -3.79 -4.04 5.28
CA ARG A 275 -3.48 -2.62 5.33
C ARG A 275 -2.08 -2.31 4.81
N TYR A 276 -1.14 -3.25 4.95
CA TYR A 276 0.21 -3.05 4.45
C TYR A 276 0.36 -3.43 2.97
N GLN A 277 -0.57 -4.22 2.45
CA GLN A 277 -0.51 -4.65 1.06
C GLN A 277 -1.26 -3.72 0.13
N ILE A 278 -2.33 -3.09 0.61
CA ILE A 278 -3.22 -2.34 -0.29
C ILE A 278 -2.50 -1.20 -0.99
N PRO A 279 -1.84 -0.28 -0.30
CA PRO A 279 -1.14 0.79 -1.03
C PRO A 279 0.01 0.27 -1.86
N ALA A 280 0.79 -0.68 -1.33
CA ALA A 280 1.92 -1.21 -2.08
C ALA A 280 1.47 -1.82 -3.40
N LEU A 281 0.34 -2.52 -3.38
CA LEU A 281 -0.14 -3.16 -4.62
C LEU A 281 -0.72 -2.11 -5.57
N ALA A 282 -1.38 -1.09 -5.03
CA ALA A 282 -1.91 -0.04 -5.89
C ALA A 282 -0.78 0.79 -6.51
N GLN A 283 0.29 0.99 -5.76
CA GLN A 283 1.44 1.73 -6.29
C GLN A 283 2.11 0.98 -7.42
N ALA A 284 2.10 -0.36 -7.38
CA ALA A 284 2.68 -1.16 -8.45
C ALA A 284 1.83 -1.17 -9.71
N GLY A 285 0.69 -0.50 -9.71
CA GLY A 285 -0.12 -0.38 -10.92
C GLY A 285 -1.28 -1.34 -10.94
N TYR A 286 -1.98 -1.47 -9.82
CA TYR A 286 -3.09 -2.41 -9.71
C TYR A 286 -4.26 -1.74 -9.00
N ARG A 287 -5.46 -2.24 -9.29
CA ARG A 287 -6.69 -1.75 -8.67
C ARG A 287 -7.07 -2.75 -7.59
N VAL A 288 -6.67 -2.48 -6.36
CA VAL A 288 -6.89 -3.41 -5.26
C VAL A 288 -8.34 -3.36 -4.83
N LEU A 289 -8.90 -4.52 -4.52
CA LEU A 289 -10.26 -4.66 -3.97
C LEU A 289 -10.14 -5.57 -2.75
N ALA A 290 -10.01 -4.96 -1.57
CA ALA A 290 -9.88 -5.69 -0.32
C ALA A 290 -11.27 -5.91 0.27
N MET A 291 -11.66 -7.17 0.39
CA MET A 291 -13.04 -7.54 0.72
C MET A 291 -13.23 -7.71 2.22
N ASP A 292 -14.45 -7.44 2.67
CA ASP A 292 -14.97 -7.99 3.92
C ASP A 292 -15.71 -9.27 3.55
N MET A 293 -15.10 -10.41 3.86
CA MET A 293 -15.70 -11.69 3.50
C MET A 293 -17.08 -11.83 4.14
N LYS A 294 -17.89 -12.72 3.55
CA LYS A 294 -19.24 -12.93 4.05
C LYS A 294 -19.21 -13.28 5.53
N GLY A 295 -19.94 -12.52 6.34
CA GLY A 295 -19.98 -12.71 7.77
C GLY A 295 -19.10 -11.79 8.57
N TYR A 296 -18.35 -10.91 7.92
CA TYR A 296 -17.34 -10.10 8.59
C TYR A 296 -17.65 -8.62 8.41
N GLY A 297 -17.43 -7.85 9.47
CA GLY A 297 -17.48 -6.40 9.36
C GLY A 297 -18.76 -5.91 8.72
N GLU A 298 -18.61 -4.97 7.80
CA GLU A 298 -19.74 -4.30 7.16
C GLU A 298 -20.45 -5.17 6.13
N SER A 299 -19.98 -6.39 5.90
CA SER A 299 -20.68 -7.30 5.02
C SER A 299 -21.80 -8.02 5.77
N SER A 300 -22.76 -8.51 5.00
CA SER A 300 -23.90 -9.19 5.59
C SER A 300 -23.45 -10.46 6.31
N ALA A 301 -24.21 -10.84 7.34
CA ALA A 301 -23.89 -12.01 8.17
C ALA A 301 -25.18 -12.76 8.49
N PRO A 302 -25.73 -13.48 7.51
CA PRO A 302 -26.90 -14.30 7.79
C PRO A 302 -26.55 -15.40 8.77
N PRO A 303 -27.49 -15.82 9.62
CA PRO A 303 -27.16 -16.80 10.67
C PRO A 303 -27.03 -18.23 10.16
N GLU A 304 -27.63 -18.57 9.04
CA GLU A 304 -27.68 -19.97 8.61
C GLU A 304 -26.29 -20.48 8.25
N ILE A 305 -26.01 -21.72 8.63
CA ILE A 305 -24.67 -22.28 8.41
C ILE A 305 -24.41 -22.51 6.93
N GLU A 306 -25.41 -23.01 6.21
CA GLU A 306 -25.21 -23.36 4.80
C GLU A 306 -24.90 -22.13 3.96
N GLU A 307 -25.18 -20.94 4.47
CA GLU A 307 -24.86 -19.71 3.74
C GLU A 307 -23.36 -19.48 3.65
N TYR A 308 -22.54 -20.29 4.32
CA TYR A 308 -21.09 -20.10 4.35
C TYR A 308 -20.33 -21.30 3.81
N CYS A 309 -20.99 -22.22 3.13
CA CYS A 309 -20.29 -23.31 2.46
C CYS A 309 -19.53 -22.76 1.25
N MET A 310 -18.52 -23.51 0.81
CA MET A 310 -17.62 -23.02 -0.22
C MET A 310 -18.34 -22.79 -1.54
N GLU A 311 -19.35 -23.61 -1.86
CA GLU A 311 -20.05 -23.43 -3.13
C GLU A 311 -20.82 -22.11 -3.15
N VAL A 312 -21.44 -21.75 -2.02
CA VAL A 312 -22.18 -20.49 -1.95
C VAL A 312 -21.23 -19.30 -1.92
N LEU A 313 -20.17 -19.40 -1.12
CA LEU A 313 -19.21 -18.29 -1.02
C LEU A 313 -18.57 -17.99 -2.37
N CYS A 314 -18.39 -19.01 -3.21
CA CYS A 314 -17.75 -18.79 -4.50
C CYS A 314 -18.72 -18.21 -5.52
N LYS A 315 -19.96 -18.70 -5.55
CA LYS A 315 -20.95 -18.13 -6.46
C LYS A 315 -21.20 -16.67 -6.17
N GLU A 316 -21.12 -16.27 -4.91
CA GLU A 316 -21.34 -14.88 -4.57
C GLU A 316 -20.18 -14.00 -5.03
N MET A 317 -18.95 -14.50 -4.92
CA MET A 317 -17.80 -13.74 -5.39
C MET A 317 -17.87 -13.55 -6.90
N VAL A 318 -18.33 -14.58 -7.62
CA VAL A 318 -18.56 -14.42 -9.04
C VAL A 318 -19.59 -13.32 -9.29
N THR A 319 -20.69 -13.35 -8.54
CA THR A 319 -21.69 -12.29 -8.66
C THR A 319 -21.08 -10.92 -8.36
N PHE A 320 -20.22 -10.85 -7.33
CA PHE A 320 -19.58 -9.58 -6.99
C PHE A 320 -18.81 -9.02 -8.19
N LEU A 321 -18.14 -9.89 -8.94
CA LEU A 321 -17.49 -9.45 -10.17
C LEU A 321 -18.50 -9.00 -11.21
N ASP A 322 -19.61 -9.74 -11.34
CA ASP A 322 -20.61 -9.39 -12.35
C ASP A 322 -21.15 -7.99 -12.12
N LYS A 323 -21.59 -7.70 -10.89
CA LYS A 323 -22.23 -6.42 -10.61
C LYS A 323 -21.24 -5.26 -10.61
N LEU A 324 -19.95 -5.54 -10.69
CA LEU A 324 -18.93 -4.50 -10.79
C LEU A 324 -18.41 -4.33 -12.21
N GLY A 325 -18.78 -5.20 -13.14
CA GLY A 325 -18.35 -5.09 -14.51
C GLY A 325 -17.01 -5.73 -14.82
N LEU A 326 -16.52 -6.61 -13.95
CA LEU A 326 -15.19 -7.19 -14.08
C LEU A 326 -15.31 -8.60 -14.65
N SER A 327 -14.74 -8.83 -15.83
CA SER A 327 -14.74 -10.16 -16.40
C SER A 327 -13.78 -11.08 -15.66
N GLN A 328 -12.62 -10.56 -15.25
CA GLN A 328 -11.64 -11.30 -14.48
C GLN A 328 -11.22 -10.49 -13.27
N ALA A 329 -10.35 -11.09 -12.46
CA ALA A 329 -9.75 -10.43 -11.31
C ALA A 329 -8.74 -11.39 -10.71
N VAL A 330 -7.57 -10.86 -10.33
CA VAL A 330 -6.59 -11.68 -9.64
C VAL A 330 -7.05 -11.90 -8.21
N PHE A 331 -7.07 -13.15 -7.77
CA PHE A 331 -7.57 -13.52 -6.46
C PHE A 331 -6.39 -13.91 -5.57
N ILE A 332 -6.14 -13.10 -4.55
CA ILE A 332 -5.11 -13.38 -3.56
C ILE A 332 -5.80 -13.60 -2.22
N GLY A 333 -5.56 -14.76 -1.61
CA GLY A 333 -6.23 -15.12 -0.38
C GLY A 333 -5.24 -15.53 0.70
N HIS A 334 -5.76 -15.58 1.93
CA HIS A 334 -4.99 -15.99 3.10
C HIS A 334 -5.93 -16.71 4.06
N ASP A 335 -5.45 -17.81 4.62
CA ASP A 335 -6.23 -18.62 5.57
C ASP A 335 -7.49 -19.10 4.84
N TRP A 336 -8.69 -18.87 5.36
CA TRP A 336 -9.90 -19.32 4.68
C TRP A 336 -10.03 -18.68 3.31
N GLY A 337 -9.64 -17.41 3.19
CA GLY A 337 -9.66 -16.76 1.89
C GLY A 337 -8.80 -17.48 0.87
N GLY A 338 -7.64 -17.97 1.30
CA GLY A 338 -6.78 -18.71 0.38
C GLY A 338 -7.41 -19.98 -0.11
N MET A 339 -8.13 -20.68 0.78
CA MET A 339 -8.82 -21.90 0.35
C MET A 339 -9.96 -21.58 -0.60
N LEU A 340 -10.62 -20.43 -0.41
CA LEU A 340 -11.72 -20.04 -1.29
C LEU A 340 -11.22 -19.70 -2.69
N VAL A 341 -10.04 -19.08 -2.79
CA VAL A 341 -9.53 -18.72 -4.11
C VAL A 341 -9.00 -19.93 -4.85
N TRP A 342 -8.55 -20.96 -4.13
CA TRP A 342 -8.19 -22.21 -4.80
C TRP A 342 -9.39 -22.79 -5.53
N TYR A 343 -10.55 -22.82 -4.86
CA TYR A 343 -11.75 -23.35 -5.49
C TYR A 343 -12.38 -22.38 -6.46
N MET A 344 -12.06 -21.09 -6.37
CA MET A 344 -12.41 -20.16 -7.44
C MET A 344 -11.73 -20.56 -8.75
N ALA A 345 -10.43 -20.87 -8.68
CA ALA A 345 -9.71 -21.28 -9.87
C ALA A 345 -10.21 -22.64 -10.38
N LEU A 346 -10.70 -23.48 -9.49
CA LEU A 346 -11.10 -24.83 -9.88
C LEU A 346 -12.49 -24.86 -10.50
N PHE A 347 -13.36 -23.92 -10.14
CA PHE A 347 -14.74 -23.92 -10.63
C PHE A 347 -15.05 -22.75 -11.57
N TYR A 348 -14.31 -21.65 -11.49
CA TYR A 348 -14.57 -20.46 -12.32
C TYR A 348 -13.25 -19.93 -12.87
N PRO A 349 -12.48 -20.77 -13.57
CA PRO A 349 -11.18 -20.30 -14.06
C PRO A 349 -11.28 -19.17 -15.07
N GLU A 350 -12.43 -19.00 -15.73
CA GLU A 350 -12.59 -17.93 -16.70
C GLU A 350 -12.69 -16.55 -16.04
N ARG A 351 -12.95 -16.49 -14.74
CA ARG A 351 -13.06 -15.23 -14.01
C ARG A 351 -11.84 -14.95 -13.13
N VAL A 352 -10.83 -15.81 -13.16
CA VAL A 352 -9.63 -15.66 -12.35
C VAL A 352 -8.47 -15.42 -13.31
N ARG A 353 -7.97 -14.18 -13.33
CA ARG A 353 -6.76 -13.91 -14.10
C ARG A 353 -5.58 -14.66 -13.51
N ALA A 354 -5.47 -14.70 -12.19
CA ALA A 354 -4.42 -15.45 -11.51
C ALA A 354 -4.83 -15.59 -10.05
N VAL A 355 -4.32 -16.64 -9.41
CA VAL A 355 -4.69 -16.98 -8.04
C VAL A 355 -3.41 -17.12 -7.21
N ALA A 356 -3.45 -16.60 -5.99
CA ALA A 356 -2.35 -16.73 -5.06
C ALA A 356 -2.89 -16.90 -3.66
N SER A 357 -2.14 -17.62 -2.82
CA SER A 357 -2.58 -17.98 -1.49
C SER A 357 -1.42 -17.86 -0.51
N LEU A 358 -1.71 -17.29 0.66
CA LEU A 358 -0.74 -17.18 1.74
C LEU A 358 -1.04 -18.26 2.78
N ASN A 359 -0.06 -19.13 3.04
CA ASN A 359 -0.15 -20.17 4.06
C ASN A 359 -1.05 -21.32 3.64
N THR A 360 -2.25 -21.03 3.16
CA THR A 360 -3.24 -22.07 2.89
C THR A 360 -2.84 -22.87 1.65
N PRO A 361 -2.62 -24.17 1.77
CA PRO A 361 -2.37 -25.00 0.58
C PRO A 361 -3.66 -25.53 -0.02
N PHE A 362 -3.54 -25.99 -1.27
CA PHE A 362 -4.65 -26.65 -1.94
C PHE A 362 -4.56 -28.14 -1.62
N ILE A 363 -5.32 -28.58 -0.62
CA ILE A 363 -5.42 -30.00 -0.29
C ILE A 363 -6.65 -30.56 -0.99
N PRO A 364 -6.49 -31.41 -2.00
CA PRO A 364 -7.66 -31.94 -2.71
C PRO A 364 -8.50 -32.83 -1.81
N ALA A 365 -9.75 -33.01 -2.20
CA ALA A 365 -10.68 -33.79 -1.40
C ALA A 365 -10.34 -35.28 -1.44
N ASN A 366 -10.56 -35.96 -0.32
CA ASN A 366 -10.38 -37.40 -0.25
C ASN A 366 -11.73 -38.07 -0.47
N PRO A 367 -11.97 -38.73 -1.61
CA PRO A 367 -13.29 -39.31 -1.83
C PRO A 367 -13.60 -40.51 -0.95
N ASN A 368 -12.58 -41.10 -0.31
CA ASN A 368 -12.76 -42.27 0.53
C ASN A 368 -12.72 -41.96 2.02
N MET A 369 -12.80 -40.68 2.39
CA MET A 369 -12.71 -40.29 3.79
C MET A 369 -13.41 -38.96 3.98
N SER A 370 -14.27 -38.88 5.00
CA SER A 370 -14.91 -37.63 5.30
C SER A 370 -13.88 -36.66 5.88
N PRO A 371 -14.11 -35.35 5.75
CA PRO A 371 -13.15 -34.40 6.34
C PRO A 371 -13.10 -34.46 7.86
N LEU A 372 -14.19 -34.88 8.51
CA LEU A 372 -14.18 -34.95 9.96
C LEU A 372 -13.19 -36.00 10.47
N GLU A 373 -13.02 -37.10 9.73
CA GLU A 373 -12.05 -38.11 10.14
C GLU A 373 -10.62 -37.60 9.99
N SER A 374 -10.35 -36.84 8.92
CA SER A 374 -9.01 -36.31 8.72
C SER A 374 -8.66 -35.25 9.75
N ILE A 375 -9.62 -34.38 10.08
CA ILE A 375 -9.38 -33.36 11.10
C ILE A 375 -9.11 -34.01 12.45
N LYS A 376 -9.77 -35.14 12.73
CA LYS A 376 -9.53 -35.86 13.98
C LYS A 376 -8.18 -36.56 13.97
N ALA A 377 -7.68 -36.94 12.79
CA ALA A 377 -6.38 -37.58 12.65
C ALA A 377 -5.23 -36.58 12.63
N ASN A 378 -5.42 -35.41 13.24
CA ASN A 378 -4.39 -34.38 13.28
C ASN A 378 -4.60 -33.56 14.55
N PRO A 379 -3.72 -33.66 15.54
CA PRO A 379 -3.99 -32.95 16.81
C PRO A 379 -3.86 -31.44 16.72
N VAL A 380 -3.23 -30.89 15.67
CA VAL A 380 -3.14 -29.44 15.57
C VAL A 380 -4.46 -28.85 15.10
N PHE A 381 -5.28 -29.62 14.39
CA PHE A 381 -6.59 -29.19 13.93
C PHE A 381 -7.68 -29.48 14.97
N ASP A 382 -7.30 -29.62 16.24
CA ASP A 382 -8.28 -30.00 17.26
C ASP A 382 -9.22 -28.85 17.61
N TYR A 383 -8.76 -27.61 17.48
CA TYR A 383 -9.62 -26.46 17.74
C TYR A 383 -10.81 -26.45 16.79
N GLN A 384 -10.67 -27.04 15.60
CA GLN A 384 -11.77 -27.00 14.63
C GLN A 384 -12.96 -27.84 15.08
N LEU A 385 -12.71 -28.88 15.88
CA LEU A 385 -13.82 -29.63 16.48
C LEU A 385 -14.55 -28.78 17.51
N TYR A 386 -13.79 -28.01 18.29
CA TYR A 386 -14.41 -27.10 19.25
C TYR A 386 -15.29 -26.07 18.56
N PHE A 387 -14.93 -25.67 17.34
CA PHE A 387 -15.72 -24.70 16.60
C PHE A 387 -17.03 -25.28 16.06
N GLN A 388 -17.12 -26.61 15.95
CA GLN A 388 -18.25 -27.21 15.27
C GLN A 388 -19.57 -26.87 15.95
N GLU A 389 -19.62 -27.02 17.27
CA GLU A 389 -20.87 -26.79 18.00
C GLU A 389 -21.21 -25.30 17.98
N PRO A 390 -22.36 -24.90 17.44
CA PRO A 390 -22.70 -23.47 17.44
C PRO A 390 -22.96 -22.96 18.85
N GLY A 391 -22.59 -21.69 19.06
CA GLY A 391 -22.78 -21.01 20.33
C GLY A 391 -21.65 -21.19 21.31
N VAL A 392 -20.98 -22.33 21.28
CA VAL A 392 -19.90 -22.59 22.24
C VAL A 392 -18.70 -21.70 21.96
N ALA A 393 -18.09 -21.86 20.78
CA ALA A 393 -16.93 -21.05 20.44
C ALA A 393 -17.28 -19.57 20.32
N GLU A 394 -18.55 -19.25 20.05
CA GLU A 394 -18.95 -17.84 19.96
C GLU A 394 -18.87 -17.16 21.32
N ALA A 395 -19.33 -17.83 22.37
CA ALA A 395 -19.40 -17.19 23.69
C ALA A 395 -18.02 -16.82 24.20
N GLU A 396 -17.02 -17.66 23.92
CA GLU A 396 -15.67 -17.40 24.41
C GLU A 396 -15.03 -16.24 23.65
N LEU A 397 -15.15 -16.23 22.32
CA LEU A 397 -14.49 -15.20 21.53
C LEU A 397 -15.18 -13.85 21.68
N GLU A 398 -16.51 -13.85 21.77
CA GLU A 398 -17.25 -12.60 21.90
C GLU A 398 -17.24 -12.04 23.32
N GLN A 399 -16.69 -12.77 24.29
CA GLN A 399 -16.72 -12.31 25.67
C GLN A 399 -15.87 -11.06 25.85
N ASN A 400 -14.60 -11.12 25.43
CA ASN A 400 -13.67 -10.00 25.55
C ASN A 400 -12.96 -9.83 24.21
N LEU A 401 -13.48 -8.93 23.37
CA LEU A 401 -12.93 -8.75 22.04
C LEU A 401 -11.47 -8.31 22.09
N SER A 402 -11.15 -7.39 23.00
CA SER A 402 -9.76 -6.93 23.12
C SER A 402 -8.85 -8.10 23.44
N ARG A 403 -9.19 -8.88 24.48
CA ARG A 403 -8.38 -10.04 24.84
C ARG A 403 -8.33 -11.06 23.71
N THR A 404 -9.40 -11.17 22.93
CA THR A 404 -9.45 -12.15 21.87
C THR A 404 -8.41 -11.86 20.79
N PHE A 405 -8.40 -10.65 20.27
CA PHE A 405 -7.49 -10.31 19.18
C PHE A 405 -6.07 -10.10 19.66
N LYS A 406 -5.89 -9.62 20.90
CA LYS A 406 -4.55 -9.47 21.43
C LYS A 406 -3.88 -10.82 21.67
N SER A 407 -4.67 -11.85 21.94
CA SER A 407 -4.12 -13.19 22.13
C SER A 407 -3.87 -13.91 20.81
N LEU A 408 -4.54 -13.49 19.73
CA LEU A 408 -4.39 -14.13 18.43
C LEU A 408 -3.29 -13.45 17.61
N PHE A 409 -3.48 -12.17 17.28
CA PHE A 409 -2.55 -11.42 16.44
C PHE A 409 -1.23 -11.28 17.20
N ARG A 410 -0.42 -12.33 17.11
CA ARG A 410 0.87 -12.38 17.80
C ARG A 410 1.90 -12.99 16.86
N ALA A 411 3.15 -12.54 17.01
CA ALA A 411 4.23 -13.07 16.21
C ALA A 411 4.54 -14.51 16.61
N SER A 412 5.38 -15.16 15.80
CA SER A 412 5.70 -16.57 16.04
C SER A 412 6.38 -16.76 17.40
N ASP A 413 7.11 -15.75 17.87
CA ASP A 413 7.85 -15.83 19.12
C ASP A 413 7.10 -15.22 20.30
N GLU A 414 5.80 -14.96 20.14
CA GLU A 414 4.99 -14.36 21.19
C GLU A 414 3.77 -15.22 21.53
N SER A 415 3.73 -16.46 21.07
CA SER A 415 2.50 -17.24 21.13
C SER A 415 2.09 -17.50 22.56
N VAL A 416 0.79 -17.32 22.83
CA VAL A 416 0.17 -17.63 24.11
C VAL A 416 -0.97 -18.63 23.96
N LEU A 417 -0.97 -19.41 22.88
CA LEU A 417 -2.07 -20.31 22.56
C LEU A 417 -1.54 -21.68 22.18
N SER A 418 -2.26 -22.73 22.60
CA SER A 418 -1.92 -24.12 22.33
C SER A 418 -3.07 -24.74 21.55
N MET A 419 -2.93 -24.80 20.22
CA MET A 419 -4.02 -25.23 19.36
C MET A 419 -4.33 -26.72 19.43
N HIS A 420 -3.56 -27.51 20.19
CA HIS A 420 -3.72 -28.96 20.19
C HIS A 420 -4.44 -29.48 21.43
N LYS A 421 -4.80 -28.61 22.38
CA LYS A 421 -5.44 -29.03 23.62
C LYS A 421 -6.74 -28.28 23.84
N VAL A 422 -7.39 -27.84 22.76
CA VAL A 422 -8.54 -26.96 22.88
C VAL A 422 -9.76 -27.73 23.39
N CYS A 423 -10.12 -28.81 22.71
CA CYS A 423 -11.32 -29.55 23.08
C CYS A 423 -11.19 -30.12 24.49
N GLU A 424 -10.00 -30.60 24.85
CA GLU A 424 -9.77 -31.16 26.18
C GLU A 424 -9.99 -30.08 27.25
N ALA A 425 -9.26 -28.98 27.15
CA ALA A 425 -9.34 -27.91 28.15
C ALA A 425 -10.66 -27.15 28.09
N GLY A 426 -11.48 -27.38 27.05
CA GLY A 426 -12.79 -26.74 26.97
C GLY A 426 -12.76 -25.28 26.60
N GLY A 427 -11.77 -24.84 25.86
CA GLY A 427 -11.71 -23.46 25.43
C GLY A 427 -10.41 -23.05 24.76
N LEU A 428 -10.48 -22.05 23.90
CA LEU A 428 -9.29 -21.58 23.20
C LEU A 428 -8.38 -20.78 24.12
N PHE A 429 -8.97 -20.00 25.04
CA PHE A 429 -8.23 -19.09 25.90
C PHE A 429 -8.18 -19.57 27.35
N VAL A 430 -8.35 -20.87 27.59
CA VAL A 430 -8.43 -21.38 28.95
C VAL A 430 -7.14 -21.11 29.71
N ASN A 431 -6.00 -21.29 29.05
CA ASN A 431 -4.70 -21.10 29.70
C ASN A 431 -3.95 -19.93 29.09
N SER A 432 -4.65 -18.80 28.90
CA SER A 432 -4.07 -17.58 28.37
C SER A 432 -4.44 -16.42 29.27
N PRO A 433 -3.65 -15.34 29.24
CA PRO A 433 -3.88 -14.23 30.18
C PRO A 433 -5.17 -13.48 29.89
N GLU A 434 -5.75 -12.93 30.96
CA GLU A 434 -6.99 -12.16 30.83
C GLU A 434 -6.75 -10.82 30.16
N GLU A 435 -5.54 -10.26 30.29
CA GLU A 435 -5.17 -9.00 29.66
C GLU A 435 -3.81 -9.20 28.99
N PRO A 436 -3.79 -9.87 27.84
CA PRO A 436 -2.50 -10.18 27.20
C PRO A 436 -1.74 -8.93 26.80
N SER A 437 -0.42 -9.06 26.72
CA SER A 437 0.42 -7.95 26.32
C SER A 437 0.29 -7.68 24.82
N LEU A 438 0.42 -6.41 24.45
CA LEU A 438 0.29 -6.01 23.06
C LEU A 438 1.46 -6.55 22.24
N SER A 439 1.15 -7.32 21.21
CA SER A 439 2.17 -7.89 20.35
C SER A 439 2.95 -6.80 19.62
N ARG A 440 4.09 -7.17 19.05
CA ARG A 440 4.90 -6.25 18.27
C ARG A 440 4.32 -5.99 16.88
N MET A 441 3.31 -6.76 16.46
CA MET A 441 2.76 -6.65 15.11
C MET A 441 1.62 -5.65 15.00
N VAL A 442 0.95 -5.33 16.10
CA VAL A 442 -0.27 -4.54 16.08
C VAL A 442 -0.21 -3.49 17.18
N THR A 443 -0.66 -2.28 16.88
CA THR A 443 -0.79 -1.22 17.85
C THR A 443 -2.15 -1.34 18.55
N GLU A 444 -2.31 -0.56 19.63
CA GLU A 444 -3.59 -0.58 20.34
C GLU A 444 -4.71 -0.08 19.46
N GLU A 445 -4.43 0.91 18.60
CA GLU A 445 -5.45 1.44 17.71
C GLU A 445 -5.89 0.39 16.70
N GLU A 446 -4.95 -0.35 16.12
CA GLU A 446 -5.31 -1.37 15.14
C GLU A 446 -6.13 -2.48 15.80
N ILE A 447 -5.80 -2.86 17.03
CA ILE A 447 -6.59 -3.85 17.74
C ILE A 447 -8.01 -3.34 17.98
N GLN A 448 -8.14 -2.05 18.31
CA GLN A 448 -9.45 -1.50 18.57
C GLN A 448 -10.29 -1.36 17.32
N PHE A 449 -9.66 -1.39 16.13
CA PHE A 449 -10.44 -1.43 14.90
C PHE A 449 -11.11 -2.79 14.74
N TYR A 450 -10.35 -3.88 14.93
CA TYR A 450 -10.93 -5.22 14.86
C TYR A 450 -12.06 -5.37 15.87
N VAL A 451 -11.89 -4.81 17.07
CA VAL A 451 -12.93 -4.91 18.09
C VAL A 451 -14.22 -4.28 17.58
N GLN A 452 -14.12 -3.07 17.02
CA GLN A 452 -15.31 -2.37 16.52
C GLN A 452 -15.93 -3.10 15.34
N GLN A 453 -15.12 -3.71 14.49
CA GLN A 453 -15.66 -4.47 13.37
C GLN A 453 -16.49 -5.65 13.85
N PHE A 454 -15.99 -6.38 14.85
CA PHE A 454 -16.67 -7.58 15.32
C PHE A 454 -17.74 -7.30 16.35
N LYS A 455 -17.88 -6.06 16.80
CA LYS A 455 -19.05 -5.67 17.59
C LYS A 455 -20.30 -5.67 16.75
N LYS A 456 -20.16 -5.60 15.43
CA LYS A 456 -21.29 -5.54 14.51
C LYS A 456 -22.03 -6.88 14.50
N SER A 457 -21.47 -7.87 13.80
CA SER A 457 -22.14 -9.13 13.53
C SER A 457 -21.57 -10.28 14.35
N GLY A 458 -20.68 -10.00 15.31
CA GLY A 458 -20.18 -11.05 16.18
C GLY A 458 -19.32 -12.06 15.45
N PHE A 459 -19.29 -13.28 16.01
CA PHE A 459 -18.45 -14.35 15.50
C PHE A 459 -19.24 -15.50 14.89
N ARG A 460 -20.58 -15.43 14.87
CA ARG A 460 -21.36 -16.52 14.31
C ARG A 460 -21.01 -16.76 12.85
N GLY A 461 -21.10 -15.72 12.03
CA GLY A 461 -20.82 -15.81 10.61
C GLY A 461 -19.46 -16.39 10.34
N PRO A 462 -18.42 -15.76 10.89
CA PRO A 462 -17.06 -16.29 10.70
C PRO A 462 -16.90 -17.76 11.08
N LEU A 463 -17.39 -18.15 12.25
CA LEU A 463 -17.24 -19.54 12.69
C LEU A 463 -18.00 -20.49 11.78
N ASN A 464 -19.06 -20.02 11.12
CA ASN A 464 -19.82 -20.89 10.24
C ASN A 464 -18.99 -21.37 9.05
N TRP A 465 -17.90 -20.68 8.71
CA TRP A 465 -17.01 -21.17 7.66
C TRP A 465 -16.47 -22.54 8.00
N TYR A 466 -16.29 -22.84 9.29
CA TYR A 466 -15.79 -24.13 9.73
C TYR A 466 -16.86 -25.22 9.75
N ARG A 467 -18.14 -24.83 9.76
CA ARG A 467 -19.22 -25.75 10.04
C ARG A 467 -19.86 -26.33 8.77
N ASN A 468 -19.14 -26.30 7.66
CA ASN A 468 -19.63 -26.91 6.43
C ASN A 468 -18.64 -27.95 5.91
N MET A 469 -18.16 -28.83 6.79
CA MET A 469 -17.17 -29.82 6.39
C MET A 469 -17.73 -30.77 5.34
N GLU A 470 -18.89 -31.37 5.62
CA GLU A 470 -19.44 -32.37 4.71
C GLU A 470 -19.92 -31.73 3.41
N ARG A 471 -20.53 -30.54 3.49
CA ARG A 471 -21.03 -29.88 2.29
C ARG A 471 -19.89 -29.53 1.34
N ASN A 472 -18.85 -28.89 1.87
CA ASN A 472 -17.71 -28.51 1.05
C ASN A 472 -17.03 -29.73 0.43
N TRP A 473 -17.01 -30.85 1.16
CA TRP A 473 -16.36 -32.05 0.66
C TRP A 473 -17.11 -32.63 -0.53
N LYS A 474 -18.44 -32.68 -0.46
CA LYS A 474 -19.23 -33.15 -1.59
C LYS A 474 -19.00 -32.26 -2.82
N TRP A 475 -18.94 -30.96 -2.62
CA TRP A 475 -18.71 -30.04 -3.73
C TRP A 475 -17.33 -30.26 -4.34
N ALA A 476 -16.30 -30.34 -3.50
CA ALA A 476 -14.94 -30.45 -4.01
C ALA A 476 -14.73 -31.73 -4.79
N CYS A 477 -15.46 -32.79 -4.44
CA CYS A 477 -15.27 -34.07 -5.13
C CYS A 477 -15.65 -33.98 -6.60
N LYS A 478 -16.45 -32.99 -7.00
CA LYS A 478 -16.80 -32.80 -8.40
C LYS A 478 -15.63 -32.27 -9.22
N SER A 479 -14.56 -31.81 -8.57
CA SER A 479 -13.40 -31.24 -9.25
C SER A 479 -12.16 -32.12 -9.09
N LEU A 480 -12.34 -33.40 -8.73
CA LEU A 480 -11.20 -34.27 -8.50
C LEU A 480 -10.52 -34.71 -9.79
N GLY A 481 -11.16 -34.53 -10.94
CA GLY A 481 -10.57 -34.83 -12.22
C GLY A 481 -10.04 -33.61 -12.96
N ARG A 482 -9.94 -32.47 -12.30
CA ARG A 482 -9.50 -31.24 -12.92
C ARG A 482 -8.04 -30.95 -12.56
N LYS A 483 -7.52 -29.87 -13.14
CA LYS A 483 -6.19 -29.37 -12.80
C LYS A 483 -6.21 -27.86 -12.90
N ILE A 484 -5.60 -27.20 -11.92
CA ILE A 484 -5.44 -25.76 -11.94
C ILE A 484 -4.30 -25.43 -12.89
N LEU A 485 -4.62 -24.81 -14.03
CA LEU A 485 -3.63 -24.52 -15.07
C LEU A 485 -3.56 -23.04 -15.40
N ILE A 486 -3.98 -22.18 -14.47
CA ILE A 486 -3.83 -20.73 -14.62
C ILE A 486 -2.67 -20.30 -13.74
N PRO A 487 -2.16 -19.08 -13.89
CA PRO A 487 -1.03 -18.63 -13.04
C PRO A 487 -1.39 -18.73 -11.57
N ALA A 488 -0.58 -19.48 -10.83
CA ALA A 488 -0.82 -19.73 -9.41
C ALA A 488 0.45 -19.53 -8.61
N LEU A 489 0.28 -19.06 -7.38
CA LEU A 489 1.40 -18.81 -6.47
C LEU A 489 1.06 -19.34 -5.09
N MET A 490 1.99 -20.08 -4.49
CA MET A 490 1.85 -20.64 -3.15
C MET A 490 2.92 -20.04 -2.25
N VAL A 491 2.52 -19.21 -1.30
CA VAL A 491 3.44 -18.58 -0.35
C VAL A 491 3.33 -19.32 0.97
N THR A 492 4.46 -19.82 1.47
CA THR A 492 4.50 -20.56 2.73
C THR A 492 5.21 -19.73 3.79
N ALA A 493 4.75 -19.86 5.04
CA ALA A 493 5.33 -19.16 6.18
C ALA A 493 6.03 -20.17 7.08
N GLU A 494 7.29 -19.89 7.38
CA GLU A 494 8.12 -20.84 8.11
C GLU A 494 7.48 -21.26 9.43
N LYS A 495 7.22 -20.28 10.30
CA LYS A 495 6.79 -20.56 11.67
C LYS A 495 5.27 -20.51 11.83
N ASP A 496 4.53 -20.97 10.82
CA ASP A 496 3.09 -21.17 10.94
C ASP A 496 2.89 -22.59 11.47
N PHE A 497 2.58 -22.70 12.76
CA PHE A 497 2.48 -23.99 13.42
C PHE A 497 1.16 -24.71 13.16
N VAL A 498 0.28 -24.15 12.32
CA VAL A 498 -0.98 -24.78 11.94
C VAL A 498 -1.02 -25.10 10.45
N LEU A 499 -0.77 -24.10 9.60
CA LEU A 499 -0.67 -24.29 8.16
C LEU A 499 0.82 -24.34 7.81
N VAL A 500 1.42 -25.50 8.08
CA VAL A 500 2.86 -25.68 7.92
C VAL A 500 3.22 -25.74 6.44
N PRO A 501 4.42 -25.31 6.05
CA PRO A 501 4.80 -25.43 4.64
C PRO A 501 4.79 -26.86 4.12
N GLN A 502 4.97 -27.86 4.98
CA GLN A 502 4.99 -29.24 4.52
C GLN A 502 3.62 -29.70 4.04
N MET A 503 2.54 -29.03 4.46
CA MET A 503 1.22 -29.39 3.98
C MET A 503 1.05 -29.13 2.49
N SER A 504 1.96 -28.35 1.89
CA SER A 504 1.86 -27.94 0.49
C SER A 504 2.82 -28.69 -0.41
N GLN A 505 3.42 -29.79 0.07
CA GLN A 505 4.51 -30.43 -0.67
C GLN A 505 4.03 -31.16 -1.92
N HIS A 506 2.76 -31.56 -1.97
CA HIS A 506 2.25 -32.32 -3.10
C HIS A 506 1.45 -31.48 -4.08
N MET A 507 1.37 -30.16 -3.86
CA MET A 507 0.46 -29.34 -4.64
C MET A 507 0.77 -29.36 -6.14
N GLU A 508 2.05 -29.50 -6.50
CA GLU A 508 2.40 -29.48 -7.92
C GLU A 508 1.73 -30.61 -8.69
N ASP A 509 1.36 -31.70 -8.01
CA ASP A 509 0.58 -32.74 -8.67
C ASP A 509 -0.65 -32.14 -9.35
N TRP A 510 -1.31 -31.21 -8.69
CA TRP A 510 -2.55 -30.62 -9.18
C TRP A 510 -2.34 -29.29 -9.90
N ILE A 511 -1.28 -28.56 -9.56
CA ILE A 511 -0.95 -27.30 -10.21
C ILE A 511 0.44 -27.45 -10.84
N PRO A 512 0.54 -27.93 -12.08
CA PRO A 512 1.88 -28.21 -12.63
C PRO A 512 2.78 -26.99 -12.70
N HIS A 513 2.27 -25.86 -13.19
CA HIS A 513 3.06 -24.63 -13.29
C HIS A 513 2.93 -23.76 -12.04
N LEU A 514 2.87 -24.38 -10.87
CA LEU A 514 2.79 -23.63 -9.63
C LEU A 514 4.10 -22.91 -9.36
N LYS A 515 3.98 -21.65 -8.92
CA LYS A 515 5.12 -20.87 -8.45
C LYS A 515 5.04 -20.75 -6.93
N ARG A 516 6.19 -20.55 -6.30
CA ARG A 516 6.26 -20.63 -4.85
C ARG A 516 7.02 -19.45 -4.27
N GLY A 517 6.72 -19.18 -3.00
CA GLY A 517 7.45 -18.19 -2.23
C GLY A 517 7.50 -18.62 -0.78
N HIS A 518 8.59 -18.23 -0.10
CA HIS A 518 8.80 -18.63 1.28
C HIS A 518 9.25 -17.43 2.10
N ILE A 519 8.66 -17.28 3.29
CA ILE A 519 8.98 -16.21 4.22
C ILE A 519 9.40 -16.85 5.54
N GLU A 520 10.57 -16.46 6.03
CA GLU A 520 11.15 -17.08 7.21
C GLU A 520 10.87 -16.24 8.45
N ASP A 521 10.86 -16.92 9.60
CA ASP A 521 10.56 -16.29 10.89
C ASP A 521 9.18 -15.63 10.86
N CYS A 522 8.25 -16.24 10.14
CA CYS A 522 6.92 -15.69 9.91
C CYS A 522 5.88 -16.61 10.52
N GLY A 523 4.95 -16.04 11.28
CA GLY A 523 3.87 -16.81 11.88
C GLY A 523 2.70 -16.98 10.94
N HIS A 524 1.52 -17.16 11.51
CA HIS A 524 0.31 -17.32 10.70
C HIS A 524 -0.10 -16.01 10.05
N TRP A 525 0.00 -14.90 10.77
CA TRP A 525 -0.48 -13.60 10.30
C TRP A 525 0.57 -13.02 9.38
N THR A 526 0.63 -13.58 8.17
CA THR A 526 1.70 -13.25 7.23
C THR A 526 1.69 -11.78 6.86
N GLN A 527 0.49 -11.20 6.66
CA GLN A 527 0.40 -9.85 6.12
C GLN A 527 0.99 -8.82 7.08
N MET A 528 0.77 -8.99 8.39
CA MET A 528 1.24 -8.03 9.38
C MET A 528 2.51 -8.47 10.10
N ASP A 529 2.94 -9.71 9.92
CA ASP A 529 4.21 -10.15 10.50
C ASP A 529 5.38 -9.74 9.61
N LYS A 530 5.27 -10.01 8.31
CA LYS A 530 6.33 -9.74 7.33
C LYS A 530 5.73 -9.04 6.12
N PRO A 531 5.20 -7.84 6.30
CA PRO A 531 4.55 -7.16 5.17
C PRO A 531 5.50 -6.80 4.04
N THR A 532 6.75 -6.44 4.35
CA THR A 532 7.67 -6.06 3.30
C THR A 532 8.03 -7.24 2.40
N GLU A 533 8.08 -8.45 2.95
CA GLU A 533 8.37 -9.63 2.15
C GLU A 533 7.14 -10.10 1.40
N VAL A 534 5.95 -9.93 1.99
CA VAL A 534 4.72 -10.25 1.29
C VAL A 534 4.55 -9.33 0.09
N ASN A 535 4.79 -8.04 0.27
CA ASN A 535 4.66 -7.09 -0.83
C ASN A 535 5.64 -7.41 -1.95
N GLN A 536 6.89 -7.77 -1.60
CA GLN A 536 7.88 -8.07 -2.62
C GLN A 536 7.47 -9.28 -3.44
N ILE A 537 7.06 -10.37 -2.77
CA ILE A 537 6.72 -11.60 -3.48
C ILE A 537 5.54 -11.36 -4.40
N LEU A 538 4.50 -10.67 -3.92
CA LEU A 538 3.28 -10.51 -4.69
C LEU A 538 3.50 -9.57 -5.88
N ILE A 539 4.14 -8.43 -5.63
CA ILE A 539 4.37 -7.47 -6.71
C ILE A 539 5.25 -8.08 -7.79
N LYS A 540 6.20 -8.94 -7.40
CA LYS A 540 7.03 -9.61 -8.38
C LYS A 540 6.24 -10.64 -9.16
N TRP A 541 5.42 -11.43 -8.46
CA TRP A 541 4.62 -12.45 -9.14
C TRP A 541 3.56 -11.81 -10.02
N LEU A 542 2.94 -10.73 -9.56
CA LEU A 542 1.91 -10.06 -10.35
C LEU A 542 2.49 -9.50 -11.63
N ASP A 543 3.64 -8.82 -11.53
CA ASP A 543 4.23 -8.15 -12.68
C ASP A 543 4.67 -9.13 -13.76
N SER A 544 4.82 -10.41 -13.43
CA SER A 544 5.32 -11.39 -14.38
C SER A 544 4.28 -12.40 -14.85
N ASP A 545 3.21 -12.61 -14.09
CA ASP A 545 2.21 -13.63 -14.39
C ASP A 545 0.81 -13.07 -14.62
N ALA A 546 0.39 -12.07 -13.86
CA ALA A 546 -0.98 -11.57 -13.92
C ALA A 546 -1.14 -10.45 -14.95
N ARG A 547 -0.14 -9.58 -15.09
CA ARG A 547 -0.28 -8.45 -15.99
C ARG A 547 0.08 -8.88 -17.41
N ASN A 548 -0.24 -8.01 -18.37
CA ASN A 548 0.02 -8.28 -19.78
C ASN A 548 0.77 -7.12 -20.42
#